data_9AV2
#
_entry.id   9AV2
#
_cell.length_a   113.343
_cell.length_b   113.343
_cell.length_c   54.964
_cell.angle_alpha   90.00
_cell.angle_beta   90.00
_cell.angle_gamma   90.00
#
_symmetry.space_group_name_H-M   'I 4'
#
loop_
_entity.id
_entity.type
_entity.pdbx_description
1 polymer "Inosine-5'-monophosphate dehydrogenase"
2 non-polymer 'INOSINIC ACID'
3 non-polymer N-[4-chloro-3-(dimethylamino)phenyl]-N~2~-[3-(hydroxymethyl)quinolin-6-yl]-L-alaninamide
4 water water
#
_entity_poly.entity_id   1
_entity_poly.type   'polypeptide(L)'
_entity_poly.pdbx_seq_one_letter_code
;MHHHHHHGENLYFQGSLRIAKEALTFDDVLLVPAHSTVLPNTADLSTQLTKTIRLNIPMLSAAMDTVTEARLAIALAQEG
GIGFIHKNMSIERQAEEVRRVKKHSGGLRVGAAVGAGAGNEERVDALVAAGVDVLLIDSSHGHSEGVLQRIRETRAKYPD
LQIIGGNVATAAGARALAEAGCSAVKVGIGPGSICTTRIVTGVGVPQITAVADAVEALEGTGIPVIADGGIRFSGDIAKA
IAAGASAVMVGSMLAGTEESPGEIELYQGRSYKSYRGMGSLGAMSKGSSDRYFQSDNAADKLVPEGIEGRVAYKGRLKEI
IHQQMGGLRSCMGLTGCGTIDELRTKAEFVRISGAGIQESHVHDVTITKESPNYRLGSGNS
;
_entity_poly.pdbx_strand_id   A
#
loop_
_chem_comp.id
_chem_comp.type
_chem_comp.name
_chem_comp.formula
IMP non-polymer 'INOSINIC ACID' 'C10 H13 N4 O8 P'
VP4 non-polymer N-[4-chloro-3-(dimethylamino)phenyl]-N~2~-[3-(hydroxymethyl)quinolin-6-yl]-L-alaninamide 'C21 H23 Cl N4 O2'
#
# COMPACT_ATOMS: atom_id res chain seq x y z
N SER A 16 17.50 28.83 15.66
CA SER A 16 16.26 28.06 15.76
C SER A 16 15.85 27.39 14.43
N LEU A 17 15.75 26.07 14.48
CA LEU A 17 15.40 25.21 13.36
C LEU A 17 13.87 25.18 13.11
N ARG A 18 13.45 25.05 11.82
CA ARG A 18 12.02 24.94 11.47
C ARG A 18 11.52 23.47 11.66
N ILE A 19 11.42 23.02 12.93
CA ILE A 19 10.93 21.67 13.25
C ILE A 19 9.42 21.77 13.44
N ALA A 20 8.66 21.19 12.51
CA ALA A 20 7.20 21.17 12.53
C ALA A 20 6.65 20.38 13.73
N LYS A 21 7.27 19.21 14.05
CA LYS A 21 6.84 18.33 15.14
C LYS A 21 7.81 17.12 15.28
N GLU A 22 7.58 16.29 16.29
CA GLU A 22 8.27 15.01 16.44
C GLU A 22 7.42 14.02 15.64
N ALA A 23 8.04 13.07 14.98
CA ALA A 23 7.31 12.08 14.18
C ALA A 23 7.73 10.66 14.55
N LEU A 24 6.73 9.76 14.71
CA LEU A 24 6.93 8.39 15.18
C LEU A 24 6.82 7.35 14.10
N THR A 25 7.62 6.30 14.26
CA THR A 25 7.63 5.13 13.39
C THR A 25 7.03 3.93 14.13
N PHE A 26 6.83 2.81 13.42
CA PHE A 26 6.24 1.58 14.01
C PHE A 26 6.93 1.15 15.31
N ASP A 27 8.29 1.16 15.31
CA ASP A 27 9.04 0.72 16.48
C ASP A 27 8.88 1.64 17.70
N ASP A 28 8.44 2.92 17.48
CA ASP A 28 8.24 3.87 18.58
C ASP A 28 7.06 3.62 19.48
N VAL A 29 6.11 2.80 19.04
CA VAL A 29 4.87 2.60 19.77
C VAL A 29 4.48 1.12 19.93
N LEU A 30 3.58 0.86 20.88
CA LEU A 30 2.96 -0.44 21.09
C LEU A 30 1.49 -0.20 21.38
N LEU A 31 0.64 -1.15 20.98
CA LEU A 31 -0.81 -1.07 21.22
C LEU A 31 -1.12 -1.52 22.62
N VAL A 32 -2.10 -0.90 23.23
CA VAL A 32 -2.46 -1.21 24.60
C VAL A 32 -3.52 -2.31 24.69
N PRO A 33 -3.31 -3.37 25.48
CA PRO A 33 -4.37 -4.39 25.62
C PRO A 33 -5.56 -3.77 26.36
N ALA A 34 -6.77 -4.21 26.01
CA ALA A 34 -7.98 -3.65 26.59
C ALA A 34 -9.03 -4.72 26.86
N HIS A 35 -10.08 -4.34 27.59
CA HIS A 35 -11.20 -5.25 27.82
C HIS A 35 -11.69 -5.82 26.47
N SER A 36 -11.86 -7.15 26.41
CA SER A 36 -12.23 -7.76 25.15
C SER A 36 -13.29 -8.85 25.23
N THR A 37 -14.28 -8.79 24.32
CA THR A 37 -15.28 -9.86 24.14
C THR A 37 -15.02 -10.47 22.77
N VAL A 38 -13.93 -10.00 22.11
CA VAL A 38 -13.49 -10.40 20.77
C VAL A 38 -12.65 -11.66 20.79
N LEU A 39 -13.08 -12.69 20.06
CA LEU A 39 -12.28 -13.91 19.93
C LEU A 39 -11.52 -13.71 18.64
N PRO A 40 -10.19 -13.95 18.63
CA PRO A 40 -9.42 -13.76 17.38
C PRO A 40 -10.03 -14.39 16.12
N ASN A 41 -10.63 -15.60 16.25
CA ASN A 41 -11.26 -16.32 15.12
C ASN A 41 -12.57 -15.71 14.61
N THR A 42 -13.25 -14.89 15.44
CA THR A 42 -14.53 -14.25 15.10
C THR A 42 -14.33 -12.81 14.58
N ALA A 43 -13.08 -12.29 14.65
CA ALA A 43 -12.74 -10.93 14.20
C ALA A 43 -13.06 -10.71 12.72
N ASP A 44 -13.66 -9.55 12.41
CA ASP A 44 -14.04 -9.15 11.05
C ASP A 44 -12.91 -8.29 10.44
N LEU A 45 -12.24 -8.82 9.41
CA LEU A 45 -11.13 -8.17 8.74
C LEU A 45 -11.51 -7.33 7.53
N SER A 46 -12.82 -7.28 7.17
CA SER A 46 -13.30 -6.51 6.01
C SER A 46 -13.06 -5.02 6.19
N THR A 47 -12.79 -4.31 5.08
CA THR A 47 -12.53 -2.86 5.16
C THR A 47 -12.98 -2.13 3.89
N GLN A 48 -13.30 -0.84 4.01
CA GLN A 48 -13.63 -0.05 2.82
C GLN A 48 -12.34 0.53 2.27
N LEU A 49 -11.92 0.08 1.09
CA LEU A 49 -10.75 0.59 0.40
C LEU A 49 -11.12 2.00 -0.16
N THR A 50 -12.36 2.12 -0.69
CA THR A 50 -13.00 3.33 -1.20
C THR A 50 -14.47 3.24 -0.72
N LYS A 51 -15.31 4.27 -0.97
CA LYS A 51 -16.73 4.24 -0.57
C LYS A 51 -17.52 3.12 -1.28
N THR A 52 -17.03 2.67 -2.43
CA THR A 52 -17.68 1.64 -3.25
C THR A 52 -16.98 0.29 -3.26
N ILE A 53 -15.66 0.23 -2.92
CA ILE A 53 -14.91 -1.03 -2.91
C ILE A 53 -14.65 -1.52 -1.47
N ARG A 54 -15.16 -2.72 -1.14
CA ARG A 54 -14.94 -3.32 0.17
C ARG A 54 -14.11 -4.58 0.00
N LEU A 55 -12.97 -4.66 0.69
CA LEU A 55 -12.06 -5.82 0.63
C LEU A 55 -12.33 -6.70 1.83
N ASN A 56 -12.08 -8.03 1.72
CA ASN A 56 -12.30 -8.94 2.84
C ASN A 56 -11.14 -8.92 3.85
N ILE A 57 -9.92 -8.60 3.39
CA ILE A 57 -8.72 -8.40 4.23
C ILE A 57 -8.14 -7.00 3.91
N PRO A 58 -7.53 -6.29 4.89
CA PRO A 58 -6.97 -4.95 4.59
C PRO A 58 -5.56 -4.96 3.94
N MET A 59 -5.37 -5.75 2.85
CA MET A 59 -4.10 -5.96 2.20
C MET A 59 -4.10 -5.65 0.71
N LEU A 60 -3.17 -4.77 0.31
CA LEU A 60 -2.89 -4.35 -1.05
C LEU A 60 -1.46 -4.76 -1.40
N SER A 61 -1.25 -5.29 -2.58
CA SER A 61 0.10 -5.63 -2.97
C SER A 61 0.71 -4.44 -3.72
N ALA A 62 2.02 -4.19 -3.49
CA ALA A 62 2.77 -3.07 -4.08
C ALA A 62 2.78 -3.10 -5.61
N ALA A 63 2.70 -1.92 -6.25
CA ALA A 63 2.80 -1.82 -7.71
C ALA A 63 4.28 -1.79 -8.12
N MET A 64 4.95 -2.92 -7.91
CA MET A 64 6.37 -3.10 -8.17
C MET A 64 6.62 -4.23 -9.17
N ASP A 65 7.66 -4.09 -10.03
CA ASP A 65 7.99 -5.08 -11.06
C ASP A 65 8.56 -6.41 -10.50
N THR A 66 8.76 -6.48 -9.17
CA THR A 66 9.22 -7.69 -8.49
C THR A 66 8.15 -8.18 -7.53
N VAL A 67 6.95 -7.56 -7.54
CA VAL A 67 5.87 -7.93 -6.63
C VAL A 67 4.54 -8.27 -7.34
N THR A 68 3.94 -7.32 -8.11
CA THR A 68 2.62 -7.60 -8.66
C THR A 68 2.45 -7.59 -10.18
N GLU A 69 2.15 -8.78 -10.70
CA GLU A 69 1.71 -9.01 -12.06
C GLU A 69 0.41 -9.82 -11.91
N ALA A 70 -0.22 -10.25 -13.02
CA ALA A 70 -1.51 -10.95 -12.93
C ALA A 70 -1.57 -12.14 -11.95
N ARG A 71 -0.56 -13.03 -11.95
CA ARG A 71 -0.54 -14.22 -11.09
C ARG A 71 -0.64 -13.87 -9.59
N LEU A 72 0.11 -12.84 -9.13
CA LEU A 72 0.03 -12.46 -7.71
C LEU A 72 -1.27 -11.76 -7.39
N ALA A 73 -1.69 -10.82 -8.28
CA ALA A 73 -2.94 -10.08 -8.15
C ALA A 73 -4.16 -11.02 -8.00
N ILE A 74 -4.15 -12.17 -8.72
CA ILE A 74 -5.18 -13.21 -8.68
C ILE A 74 -5.21 -13.89 -7.30
N ALA A 75 -4.05 -14.37 -6.83
CA ALA A 75 -3.89 -15.02 -5.52
C ALA A 75 -4.32 -14.12 -4.37
N LEU A 76 -3.88 -12.82 -4.38
CA LEU A 76 -4.27 -11.93 -3.28
C LEU A 76 -5.75 -11.61 -3.27
N ALA A 77 -6.34 -11.39 -4.46
CA ALA A 77 -7.79 -11.13 -4.61
C ALA A 77 -8.59 -12.32 -4.02
N GLN A 78 -8.09 -13.56 -4.26
CA GLN A 78 -8.66 -14.82 -3.75
C GLN A 78 -8.63 -14.85 -2.23
N GLU A 79 -7.59 -14.22 -1.61
CA GLU A 79 -7.50 -14.12 -0.15
C GLU A 79 -8.33 -12.97 0.44
N GLY A 80 -8.90 -12.14 -0.44
CA GLY A 80 -9.76 -11.04 -0.01
C GLY A 80 -9.12 -9.67 -0.10
N GLY A 81 -7.89 -9.58 -0.59
CA GLY A 81 -7.17 -8.33 -0.80
C GLY A 81 -7.30 -7.85 -2.24
N ILE A 82 -6.33 -7.03 -2.71
CA ILE A 82 -6.31 -6.50 -4.07
C ILE A 82 -4.86 -6.25 -4.51
N GLY A 83 -4.53 -6.67 -5.73
CA GLY A 83 -3.21 -6.47 -6.32
C GLY A 83 -3.14 -5.27 -7.26
N PHE A 84 -1.94 -4.69 -7.39
CA PHE A 84 -1.73 -3.51 -8.24
C PHE A 84 -0.69 -3.77 -9.28
N ILE A 85 -1.13 -3.99 -10.54
CA ILE A 85 -0.21 -4.28 -11.64
C ILE A 85 0.68 -3.05 -11.85
N HIS A 86 1.99 -3.28 -11.81
CA HIS A 86 3.01 -2.24 -11.97
C HIS A 86 3.06 -1.69 -13.39
N LYS A 87 3.49 -0.41 -13.50
CA LYS A 87 3.61 0.35 -14.76
C LYS A 87 4.93 0.14 -15.55
N ASN A 88 5.80 -0.80 -15.10
CA ASN A 88 7.10 -1.09 -15.75
C ASN A 88 6.99 -2.12 -16.92
N MET A 89 6.04 -1.87 -17.83
CA MET A 89 5.72 -2.68 -19.02
C MET A 89 4.88 -1.84 -19.99
N SER A 90 4.80 -2.26 -21.26
CA SER A 90 4.02 -1.56 -22.29
C SER A 90 2.53 -1.50 -21.93
N ILE A 91 1.84 -0.45 -22.44
CA ILE A 91 0.41 -0.17 -22.25
C ILE A 91 -0.42 -1.42 -22.60
N GLU A 92 -0.16 -2.02 -23.77
CA GLU A 92 -0.84 -3.24 -24.25
C GLU A 92 -0.59 -4.44 -23.33
N ARG A 93 0.67 -4.62 -22.87
CA ARG A 93 1.04 -5.72 -21.98
C ARG A 93 0.41 -5.58 -20.60
N GLN A 94 0.17 -4.33 -20.12
CA GLN A 94 -0.46 -4.07 -18.82
C GLN A 94 -1.97 -4.31 -18.88
N ALA A 95 -2.63 -3.81 -19.96
CA ALA A 95 -4.07 -4.00 -20.19
C ALA A 95 -4.38 -5.50 -20.25
N GLU A 96 -3.45 -6.28 -20.84
CA GLU A 96 -3.46 -7.75 -20.97
C GLU A 96 -3.42 -8.40 -19.59
N GLU A 97 -2.52 -7.91 -18.69
CA GLU A 97 -2.42 -8.38 -17.31
C GLU A 97 -3.73 -8.11 -16.57
N VAL A 98 -4.33 -6.92 -16.79
CA VAL A 98 -5.62 -6.51 -16.20
C VAL A 98 -6.72 -7.46 -16.70
N ARG A 99 -6.73 -7.77 -18.01
N ARG A 99 -6.71 -7.77 -18.01
CA ARG A 99 -7.73 -8.69 -18.56
CA ARG A 99 -7.66 -8.69 -18.65
C ARG A 99 -7.60 -10.09 -17.96
C ARG A 99 -7.59 -10.07 -17.98
N ARG A 100 -6.37 -10.64 -17.83
CA ARG A 100 -6.13 -11.95 -17.20
C ARG A 100 -6.72 -12.05 -15.78
N VAL A 101 -6.57 -10.98 -14.94
CA VAL A 101 -7.15 -11.00 -13.59
C VAL A 101 -8.66 -10.87 -13.66
N LYS A 102 -9.15 -9.93 -14.50
CA LYS A 102 -10.57 -9.67 -14.63
C LYS A 102 -11.38 -10.86 -15.20
N LYS A 103 -10.85 -11.50 -16.26
CA LYS A 103 -11.49 -12.61 -16.99
C LYS A 103 -11.50 -13.90 -16.18
N HIS A 104 -10.51 -14.10 -15.26
CA HIS A 104 -10.37 -15.24 -14.35
C HIS A 104 -11.71 -15.47 -13.62
N SER A 105 -12.04 -16.73 -13.29
CA SER A 105 -13.30 -17.06 -12.62
C SER A 105 -13.29 -16.58 -11.16
N GLY A 106 -14.46 -16.22 -10.64
CA GLY A 106 -14.61 -15.79 -9.26
C GLY A 106 -14.95 -14.33 -9.00
N GLY A 107 -14.98 -13.52 -10.07
CA GLY A 107 -15.29 -12.09 -10.00
C GLY A 107 -14.26 -11.31 -9.20
N LEU A 108 -12.98 -11.52 -9.52
CA LEU A 108 -11.87 -10.87 -8.82
C LEU A 108 -11.70 -9.41 -9.26
N ARG A 109 -11.34 -8.56 -8.28
CA ARG A 109 -11.07 -7.14 -8.45
C ARG A 109 -9.56 -6.94 -8.69
N VAL A 110 -9.20 -5.92 -9.48
CA VAL A 110 -7.81 -5.65 -9.79
C VAL A 110 -7.53 -4.13 -9.84
N GLY A 111 -6.27 -3.79 -9.61
CA GLY A 111 -5.79 -2.42 -9.71
C GLY A 111 -4.62 -2.35 -10.65
N ALA A 112 -4.39 -1.15 -11.20
CA ALA A 112 -3.27 -0.93 -12.09
C ALA A 112 -2.69 0.46 -11.89
N ALA A 113 -1.35 0.53 -11.83
CA ALA A 113 -0.60 1.76 -11.62
C ALA A 113 -0.24 2.48 -12.91
N VAL A 114 -0.35 3.81 -12.87
CA VAL A 114 0.02 4.70 -13.97
C VAL A 114 0.92 5.79 -13.43
N GLY A 115 1.85 6.26 -14.26
CA GLY A 115 2.73 7.36 -13.92
C GLY A 115 1.98 8.69 -14.01
N ALA A 116 2.56 9.75 -13.44
CA ALA A 116 1.94 11.09 -13.48
C ALA A 116 2.48 11.93 -14.66
N GLY A 117 3.43 11.38 -15.39
CA GLY A 117 4.03 12.04 -16.55
C GLY A 117 3.12 12.09 -17.76
N ALA A 118 3.51 12.88 -18.77
CA ALA A 118 2.77 13.02 -20.03
C ALA A 118 2.89 11.74 -20.84
N GLY A 119 1.80 11.35 -21.48
CA GLY A 119 1.74 10.13 -22.28
C GLY A 119 1.21 8.95 -21.49
N ASN A 120 0.41 9.23 -20.45
CA ASN A 120 -0.23 8.24 -19.59
C ASN A 120 -1.75 8.25 -19.76
N GLU A 121 -2.28 9.24 -20.53
CA GLU A 121 -3.71 9.35 -20.85
C GLU A 121 -4.12 8.11 -21.64
N GLU A 122 -3.23 7.66 -22.55
CA GLU A 122 -3.36 6.49 -23.40
C GLU A 122 -3.42 5.21 -22.55
N ARG A 123 -2.53 5.11 -21.53
CA ARG A 123 -2.45 3.98 -20.59
C ARG A 123 -3.73 3.88 -19.76
N VAL A 124 -4.21 5.00 -19.18
CA VAL A 124 -5.45 5.06 -18.38
C VAL A 124 -6.63 4.58 -19.24
N ASP A 125 -6.70 5.02 -20.52
CA ASP A 125 -7.78 4.66 -21.45
C ASP A 125 -7.83 3.15 -21.66
N ALA A 126 -6.66 2.55 -21.93
CA ALA A 126 -6.51 1.10 -22.12
C ALA A 126 -6.85 0.31 -20.85
N LEU A 127 -6.46 0.81 -19.66
CA LEU A 127 -6.76 0.12 -18.39
C LEU A 127 -8.24 0.16 -18.05
N VAL A 128 -8.93 1.30 -18.30
CA VAL A 128 -10.37 1.46 -18.05
C VAL A 128 -11.17 0.50 -18.96
N ALA A 129 -10.75 0.36 -20.24
CA ALA A 129 -11.37 -0.51 -21.24
C ALA A 129 -11.15 -1.98 -20.85
N ALA A 130 -9.93 -2.31 -20.36
CA ALA A 130 -9.54 -3.65 -19.90
C ALA A 130 -10.28 -4.09 -18.61
N GLY A 131 -11.07 -3.19 -18.03
CA GLY A 131 -11.92 -3.43 -16.87
C GLY A 131 -11.37 -3.16 -15.48
N VAL A 132 -10.31 -2.32 -15.36
CA VAL A 132 -9.65 -2.02 -14.07
C VAL A 132 -10.68 -1.51 -13.03
N ASP A 133 -10.65 -2.06 -11.81
CA ASP A 133 -11.57 -1.63 -10.74
C ASP A 133 -11.06 -0.37 -10.04
N VAL A 134 -9.74 -0.21 -9.98
CA VAL A 134 -9.15 0.93 -9.29
C VAL A 134 -7.86 1.37 -9.98
N LEU A 135 -7.82 2.66 -10.36
CA LEU A 135 -6.64 3.20 -11.01
C LEU A 135 -5.76 3.79 -9.92
N LEU A 136 -4.49 3.42 -9.92
CA LEU A 136 -3.52 3.93 -8.98
C LEU A 136 -2.61 4.92 -9.70
N ILE A 137 -2.75 6.22 -9.38
CA ILE A 137 -1.84 7.23 -9.92
C ILE A 137 -0.63 7.17 -8.97
N ASP A 138 0.41 6.52 -9.44
CA ASP A 138 1.60 6.11 -8.70
C ASP A 138 2.76 7.10 -8.79
N SER A 139 2.96 7.87 -7.71
CA SER A 139 4.03 8.86 -7.67
C SER A 139 4.79 8.82 -6.37
N SER A 140 6.08 9.16 -6.43
CA SER A 140 6.94 9.26 -5.22
C SER A 140 6.60 10.57 -4.50
N HIS A 141 5.87 11.47 -5.20
CA HIS A 141 5.48 12.75 -4.64
C HIS A 141 4.07 13.16 -5.06
N GLY A 142 3.11 12.74 -4.27
CA GLY A 142 1.69 12.99 -4.48
C GLY A 142 1.30 14.45 -4.37
N HIS A 143 2.09 15.21 -3.61
CA HIS A 143 1.84 16.64 -3.46
C HIS A 143 2.40 17.46 -4.62
N SER A 144 3.04 16.82 -5.63
CA SER A 144 3.57 17.51 -6.82
C SER A 144 2.37 18.00 -7.67
N GLU A 145 2.40 19.28 -8.13
CA GLU A 145 1.29 19.85 -8.90
C GLU A 145 0.90 19.01 -10.15
N GLY A 146 1.88 18.39 -10.78
CA GLY A 146 1.69 17.54 -11.95
C GLY A 146 0.96 16.23 -11.67
N VAL A 147 0.99 15.78 -10.41
CA VAL A 147 0.29 14.58 -9.99
C VAL A 147 -1.17 14.96 -9.77
N LEU A 148 -1.40 16.07 -9.06
N LEU A 148 -1.40 16.07 -9.05
CA LEU A 148 -2.73 16.59 -8.76
CA LEU A 148 -2.70 16.64 -8.74
C LEU A 148 -3.50 16.91 -10.04
C LEU A 148 -3.50 16.93 -10.03
N GLN A 149 -2.83 17.50 -11.04
CA GLN A 149 -3.44 17.84 -12.35
C GLN A 149 -3.91 16.57 -13.07
N ARG A 150 -3.05 15.54 -13.13
CA ARG A 150 -3.33 14.22 -13.71
C ARG A 150 -4.58 13.58 -13.06
N ILE A 151 -4.72 13.71 -11.71
CA ILE A 151 -5.87 13.19 -10.96
C ILE A 151 -7.15 13.93 -11.36
N ARG A 152 -7.09 15.28 -11.35
CA ARG A 152 -8.19 16.15 -11.74
C ARG A 152 -8.62 15.82 -13.20
N GLU A 153 -7.65 15.57 -14.11
CA GLU A 153 -7.90 15.21 -15.52
C GLU A 153 -8.63 13.86 -15.61
N THR A 154 -8.13 12.83 -14.88
CA THR A 154 -8.73 11.50 -14.84
C THR A 154 -10.16 11.55 -14.23
N ARG A 155 -10.37 12.25 -13.09
CA ARG A 155 -11.69 12.38 -12.45
C ARG A 155 -12.74 13.04 -13.36
N ALA A 156 -12.34 14.07 -14.14
CA ALA A 156 -13.23 14.76 -15.07
C ALA A 156 -13.66 13.80 -16.19
N LYS A 157 -12.72 13.06 -16.78
CA LYS A 157 -12.98 12.09 -17.85
C LYS A 157 -13.80 10.88 -17.34
N TYR A 158 -13.42 10.33 -16.17
CA TYR A 158 -14.08 9.18 -15.57
C TYR A 158 -14.64 9.53 -14.20
N PRO A 159 -15.89 10.04 -14.17
CA PRO A 159 -16.48 10.49 -12.89
C PRO A 159 -16.76 9.43 -11.82
N ASP A 160 -16.78 8.15 -12.23
CA ASP A 160 -17.10 7.03 -11.33
C ASP A 160 -15.92 6.12 -11.08
N LEU A 161 -14.81 6.28 -11.85
CA LEU A 161 -13.60 5.47 -11.70
C LEU A 161 -13.02 5.63 -10.30
N GLN A 162 -12.67 4.50 -9.67
CA GLN A 162 -12.03 4.53 -8.35
C GLN A 162 -10.58 4.88 -8.55
N ILE A 163 -10.15 6.01 -7.97
CA ILE A 163 -8.77 6.46 -8.10
C ILE A 163 -8.11 6.54 -6.74
N ILE A 164 -6.93 5.94 -6.63
CA ILE A 164 -6.05 6.08 -5.46
C ILE A 164 -4.91 6.94 -5.96
N GLY A 165 -4.61 7.98 -5.20
CA GLY A 165 -3.48 8.84 -5.47
C GLY A 165 -2.54 8.86 -4.29
N GLY A 166 -1.26 9.00 -4.59
CA GLY A 166 -0.18 9.08 -3.60
C GLY A 166 1.18 9.25 -4.25
N ASN A 167 2.26 9.29 -3.45
CA ASN A 167 2.22 9.13 -1.99
C ASN A 167 2.42 10.46 -1.33
N VAL A 168 1.76 10.62 -0.18
CA VAL A 168 1.89 11.81 0.66
C VAL A 168 2.28 11.39 2.08
N ALA A 169 2.58 12.37 2.94
CA ALA A 169 2.92 12.04 4.32
C ALA A 169 2.59 13.19 5.24
N THR A 170 1.68 14.07 4.78
CA THR A 170 1.28 15.24 5.56
C THR A 170 -0.22 15.41 5.47
N ALA A 171 -0.76 16.20 6.39
CA ALA A 171 -2.18 16.54 6.37
C ALA A 171 -2.54 17.36 5.09
N ALA A 172 -1.67 18.33 4.71
CA ALA A 172 -1.87 19.20 3.52
C ALA A 172 -1.83 18.37 2.25
N GLY A 173 -0.94 17.38 2.20
CA GLY A 173 -0.81 16.45 1.09
C GLY A 173 -2.04 15.56 0.92
N ALA A 174 -2.59 15.02 2.03
CA ALA A 174 -3.80 14.19 2.00
C ALA A 174 -4.98 15.02 1.50
N ARG A 175 -5.15 16.28 2.01
N ARG A 175 -5.15 16.27 2.02
CA ARG A 175 -6.25 17.17 1.61
CA ARG A 175 -6.24 17.19 1.64
C ARG A 175 -6.18 17.50 0.12
C ARG A 175 -6.18 17.53 0.15
N ALA A 176 -4.97 17.80 -0.40
CA ALA A 176 -4.71 18.08 -1.82
C ALA A 176 -5.23 16.94 -2.71
N LEU A 177 -4.78 15.69 -2.44
CA LEU A 177 -5.24 14.49 -3.16
C LEU A 177 -6.78 14.29 -3.09
N ALA A 178 -7.40 14.51 -1.92
CA ALA A 178 -8.85 14.40 -1.71
C ALA A 178 -9.61 15.47 -2.54
N GLU A 179 -9.05 16.67 -2.59
CA GLU A 179 -9.63 17.79 -3.37
C GLU A 179 -9.49 17.55 -4.87
N ALA A 180 -8.41 16.89 -5.29
CA ALA A 180 -8.15 16.58 -6.68
C ALA A 180 -9.12 15.50 -7.22
N GLY A 181 -9.82 14.80 -6.31
CA GLY A 181 -10.81 13.78 -6.66
C GLY A 181 -10.50 12.34 -6.30
N CYS A 182 -9.39 12.10 -5.55
CA CYS A 182 -9.02 10.74 -5.11
C CYS A 182 -10.13 10.04 -4.31
N SER A 183 -10.36 8.74 -4.59
CA SER A 183 -11.31 7.88 -3.87
C SER A 183 -10.61 7.32 -2.61
N ALA A 184 -9.26 7.18 -2.64
CA ALA A 184 -8.43 6.75 -1.49
C ALA A 184 -7.09 7.46 -1.57
N VAL A 185 -6.46 7.75 -0.42
CA VAL A 185 -5.18 8.44 -0.34
C VAL A 185 -4.11 7.45 0.17
N LYS A 186 -2.98 7.34 -0.53
CA LYS A 186 -1.88 6.47 -0.13
C LYS A 186 -0.77 7.29 0.56
N VAL A 187 -0.38 6.83 1.75
CA VAL A 187 0.61 7.47 2.60
C VAL A 187 1.89 6.71 2.68
N GLY A 188 3.00 7.41 2.51
CA GLY A 188 4.32 6.83 2.66
C GLY A 188 5.38 7.57 1.89
N ILE A 189 6.17 8.39 2.60
CA ILE A 189 7.30 9.10 2.02
C ILE A 189 8.53 8.63 2.83
N GLY A 190 9.34 7.78 2.22
CA GLY A 190 10.54 7.19 2.83
C GLY A 190 10.46 5.93 3.69
N PRO A 191 9.29 5.25 3.94
CA PRO A 191 9.32 4.09 4.86
C PRO A 191 9.63 2.71 4.28
N GLY A 192 9.62 2.58 2.94
CA GLY A 192 9.86 1.32 2.23
C GLY A 192 11.15 0.62 2.61
N SER A 193 11.08 -0.72 2.74
CA SER A 193 12.26 -1.51 3.13
C SER A 193 13.40 -1.37 2.12
N ILE A 194 13.07 -1.09 0.85
CA ILE A 194 14.06 -0.91 -0.22
C ILE A 194 14.29 0.58 -0.58
N CYS A 195 13.75 1.48 0.20
CA CYS A 195 13.79 2.91 -0.04
C CYS A 195 15.11 3.57 0.42
N THR A 196 15.68 4.44 -0.43
CA THR A 196 16.86 5.23 -0.05
C THR A 196 16.55 6.72 -0.19
N THR A 197 15.27 7.09 -0.34
CA THR A 197 14.81 8.50 -0.48
C THR A 197 15.33 9.32 0.71
N ARG A 198 15.20 8.77 1.94
CA ARG A 198 15.63 9.48 3.14
C ARG A 198 17.10 9.88 3.15
N ILE A 199 17.97 9.00 2.66
CA ILE A 199 19.42 9.17 2.59
C ILE A 199 19.83 10.04 1.39
N VAL A 200 19.18 9.85 0.24
CA VAL A 200 19.46 10.57 -1.01
C VAL A 200 18.95 12.02 -0.97
N THR A 201 17.69 12.23 -0.53
CA THR A 201 17.07 13.54 -0.53
C THR A 201 17.02 14.20 0.86
N GLY A 202 17.05 13.39 1.91
CA GLY A 202 16.92 13.90 3.28
C GLY A 202 15.48 14.12 3.70
N VAL A 203 14.53 13.79 2.83
CA VAL A 203 13.08 13.93 3.04
C VAL A 203 12.46 12.59 3.49
N GLY A 204 11.53 12.67 4.41
CA GLY A 204 10.81 11.51 4.90
C GLY A 204 10.00 11.86 6.11
N VAL A 205 8.94 11.10 6.33
CA VAL A 205 8.11 11.24 7.50
C VAL A 205 7.91 9.84 8.09
N PRO A 206 8.35 9.60 9.37
CA PRO A 206 8.04 8.34 10.07
C PRO A 206 6.54 7.98 9.96
N GLN A 207 6.26 6.72 9.53
CA GLN A 207 4.98 6.24 9.02
C GLN A 207 3.80 6.37 9.95
N ILE A 208 4.00 6.11 11.22
CA ILE A 208 2.88 6.15 12.16
C ILE A 208 2.32 7.59 12.25
N THR A 209 3.20 8.60 12.33
CA THR A 209 2.78 10.00 12.33
C THR A 209 2.18 10.41 10.97
N ALA A 210 2.83 10.00 9.88
CA ALA A 210 2.36 10.31 8.53
C ALA A 210 0.92 9.80 8.33
N VAL A 211 0.66 8.54 8.71
CA VAL A 211 -0.69 7.98 8.61
C VAL A 211 -1.70 8.72 9.47
N ALA A 212 -1.38 8.99 10.75
CA ALA A 212 -2.33 9.65 11.64
C ALA A 212 -2.65 11.09 11.19
N ASP A 213 -1.66 11.77 10.64
CA ASP A 213 -1.84 13.14 10.14
C ASP A 213 -2.79 13.17 8.96
N ALA A 214 -2.58 12.24 8.00
CA ALA A 214 -3.41 12.11 6.81
C ALA A 214 -4.85 11.74 7.14
N VAL A 215 -5.06 10.82 8.12
CA VAL A 215 -6.37 10.38 8.55
C VAL A 215 -7.11 11.51 9.26
N GLU A 216 -6.40 12.26 10.12
CA GLU A 216 -7.01 13.40 10.84
C GLU A 216 -7.48 14.44 9.81
N ALA A 217 -6.67 14.72 8.78
CA ALA A 217 -6.97 15.67 7.70
C ALA A 217 -8.25 15.26 6.94
N LEU A 218 -8.41 13.95 6.70
CA LEU A 218 -9.51 13.37 5.94
C LEU A 218 -10.70 12.93 6.79
N GLU A 219 -10.74 13.31 8.08
CA GLU A 219 -11.86 12.97 8.96
C GLU A 219 -13.17 13.57 8.40
N GLY A 220 -14.21 12.75 8.32
CA GLY A 220 -15.54 13.12 7.83
C GLY A 220 -15.73 13.14 6.33
N THR A 221 -14.67 12.78 5.56
CA THR A 221 -14.72 12.81 4.09
C THR A 221 -15.09 11.47 3.46
N GLY A 222 -14.97 10.39 4.23
CA GLY A 222 -15.21 9.04 3.72
C GLY A 222 -14.12 8.57 2.78
N ILE A 223 -12.96 9.30 2.73
CA ILE A 223 -11.83 8.94 1.86
C ILE A 223 -10.82 8.15 2.71
N PRO A 224 -10.70 6.84 2.47
CA PRO A 224 -9.77 6.03 3.28
C PRO A 224 -8.30 6.29 2.95
N VAL A 225 -7.43 6.02 3.97
CA VAL A 225 -5.98 6.12 3.88
C VAL A 225 -5.37 4.69 3.81
N ILE A 226 -4.41 4.52 2.90
CA ILE A 226 -3.61 3.31 2.71
C ILE A 226 -2.20 3.56 3.29
N ALA A 227 -1.78 2.75 4.28
CA ALA A 227 -0.42 2.88 4.84
C ALA A 227 0.51 2.05 3.99
N ASP A 228 1.38 2.73 3.22
CA ASP A 228 2.27 2.11 2.25
C ASP A 228 3.75 2.16 2.58
N GLY A 229 4.33 0.98 2.81
CA GLY A 229 5.77 0.87 3.07
C GLY A 229 6.13 0.70 4.54
N GLY A 230 7.24 0.04 4.78
CA GLY A 230 7.73 -0.17 6.13
C GLY A 230 7.12 -1.30 6.96
N ILE A 231 6.08 -2.01 6.44
CA ILE A 231 5.43 -3.11 7.17
C ILE A 231 6.38 -4.33 7.12
N ARG A 232 6.94 -4.72 8.27
CA ARG A 232 7.88 -5.85 8.33
C ARG A 232 7.20 -7.05 8.95
N PHE A 233 6.42 -6.81 10.01
CA PHE A 233 5.74 -7.85 10.77
C PHE A 233 4.25 -7.57 10.84
N SER A 234 3.46 -8.60 11.22
CA SER A 234 2.00 -8.45 11.35
C SER A 234 1.61 -7.41 12.42
N GLY A 235 2.48 -7.17 13.39
CA GLY A 235 2.26 -6.15 14.41
C GLY A 235 2.23 -4.75 13.80
N ASP A 236 3.05 -4.53 12.75
CA ASP A 236 3.14 -3.27 11.99
C ASP A 236 1.80 -3.01 11.25
N ILE A 237 1.12 -4.08 10.77
CA ILE A 237 -0.19 -3.97 10.09
C ILE A 237 -1.22 -3.39 11.07
N ALA A 238 -1.27 -3.98 12.26
CA ALA A 238 -2.15 -3.61 13.38
C ALA A 238 -1.89 -2.15 13.78
N LYS A 239 -0.60 -1.78 13.89
CA LYS A 239 -0.21 -0.41 14.29
C LYS A 239 -0.65 0.59 13.24
N ALA A 240 -0.45 0.27 11.95
CA ALA A 240 -0.83 1.14 10.83
C ALA A 240 -2.33 1.39 10.81
N ILE A 241 -3.12 0.33 11.09
CA ILE A 241 -4.58 0.43 11.13
C ILE A 241 -5.03 1.24 12.34
N ALA A 242 -4.49 0.96 13.55
CA ALA A 242 -4.85 1.74 14.74
C ALA A 242 -4.44 3.22 14.59
N ALA A 243 -3.41 3.51 13.74
CA ALA A 243 -2.97 4.90 13.41
C ALA A 243 -4.02 5.56 12.50
N GLY A 244 -4.98 4.77 12.01
CA GLY A 244 -6.07 5.24 11.17
C GLY A 244 -6.20 4.70 9.76
N ALA A 245 -5.20 3.95 9.25
CA ALA A 245 -5.25 3.41 7.89
C ALA A 245 -6.35 2.38 7.77
N SER A 246 -7.07 2.42 6.64
CA SER A 246 -8.16 1.47 6.36
C SER A 246 -7.57 0.19 5.83
N ALA A 247 -6.39 0.29 5.23
CA ALA A 247 -5.67 -0.84 4.65
C ALA A 247 -4.20 -0.54 4.61
N VAL A 248 -3.39 -1.57 4.30
CA VAL A 248 -1.95 -1.44 4.15
C VAL A 248 -1.51 -1.92 2.79
N MET A 249 -0.39 -1.38 2.28
CA MET A 249 0.23 -1.80 1.04
C MET A 249 1.59 -2.39 1.37
N VAL A 250 1.85 -3.62 0.88
CA VAL A 250 3.07 -4.34 1.18
C VAL A 250 3.83 -4.77 -0.08
N GLY A 251 5.14 -4.61 -0.02
CA GLY A 251 6.07 -5.00 -1.06
C GLY A 251 6.91 -6.16 -0.58
N SER A 252 7.80 -5.88 0.39
CA SER A 252 8.72 -6.86 0.99
C SER A 252 8.00 -8.14 1.46
N MET A 253 6.83 -7.99 2.13
CA MET A 253 6.02 -9.08 2.70
C MET A 253 5.57 -10.12 1.63
N LEU A 254 5.37 -9.67 0.39
CA LEU A 254 4.90 -10.51 -0.71
C LEU A 254 5.95 -10.80 -1.76
N ALA A 255 7.10 -10.10 -1.71
CA ALA A 255 8.24 -10.35 -2.58
C ALA A 255 8.79 -11.74 -2.23
N GLY A 256 9.27 -12.45 -3.24
CA GLY A 256 9.81 -13.80 -3.04
C GLY A 256 8.78 -14.91 -2.99
N THR A 257 7.47 -14.58 -3.01
CA THR A 257 6.42 -15.60 -3.02
C THR A 257 6.38 -16.27 -4.41
N GLU A 258 5.78 -17.45 -4.49
CA GLU A 258 5.68 -18.19 -5.76
C GLU A 258 4.93 -17.39 -6.85
N GLU A 259 3.86 -16.70 -6.44
CA GLU A 259 2.97 -15.92 -7.32
C GLU A 259 3.55 -14.62 -7.87
N SER A 260 4.59 -14.07 -7.21
CA SER A 260 5.27 -12.83 -7.62
C SER A 260 6.02 -13.01 -8.97
N PRO A 261 6.29 -11.92 -9.75
CA PRO A 261 7.01 -12.09 -11.03
C PRO A 261 8.47 -12.49 -10.85
N GLY A 262 9.10 -12.90 -11.96
CA GLY A 262 10.49 -13.31 -11.96
C GLY A 262 10.68 -14.76 -11.60
N GLU A 263 11.89 -15.26 -11.85
CA GLU A 263 12.26 -16.65 -11.58
C GLU A 263 12.93 -16.81 -10.23
N ILE A 264 12.89 -18.02 -9.67
CA ILE A 264 13.53 -18.35 -8.41
C ILE A 264 15.00 -18.68 -8.68
N GLU A 265 15.92 -18.07 -7.93
CA GLU A 265 17.36 -18.30 -8.04
C GLU A 265 17.84 -19.19 -6.89
N LEU A 266 18.91 -19.97 -7.14
CA LEU A 266 19.57 -20.85 -6.17
C LEU A 266 20.97 -20.29 -5.91
N TYR A 267 21.29 -19.94 -4.65
CA TYR A 267 22.59 -19.35 -4.34
C TYR A 267 23.58 -20.35 -3.71
N GLN A 268 23.39 -20.71 -2.42
CA GLN A 268 24.27 -21.66 -1.73
C GLN A 268 23.58 -23.02 -1.54
N GLY A 269 22.27 -23.03 -1.80
CA GLY A 269 21.37 -24.16 -1.68
C GLY A 269 19.98 -23.67 -1.34
N ARG A 270 19.91 -22.40 -0.88
CA ARG A 270 18.71 -21.67 -0.49
C ARG A 270 18.10 -20.99 -1.72
N SER A 271 16.76 -20.95 -1.78
CA SER A 271 16.02 -20.35 -2.89
C SER A 271 15.70 -18.86 -2.62
N TYR A 272 15.97 -17.99 -3.62
CA TYR A 272 15.76 -16.54 -3.55
C TYR A 272 14.98 -16.01 -4.75
N LYS A 273 14.45 -14.79 -4.61
CA LYS A 273 13.77 -14.05 -5.67
C LYS A 273 14.23 -12.60 -5.60
N SER A 274 14.16 -11.91 -6.74
CA SER A 274 14.56 -10.51 -6.82
C SER A 274 13.54 -9.60 -6.13
N TYR A 275 14.05 -8.56 -5.48
CA TYR A 275 13.24 -7.50 -4.85
C TYR A 275 14.02 -6.21 -4.94
N ARG A 276 13.46 -5.24 -5.64
CA ARG A 276 14.08 -3.95 -5.86
C ARG A 276 13.08 -2.81 -5.83
N GLY A 277 13.55 -1.63 -5.48
CA GLY A 277 12.71 -0.45 -5.52
C GLY A 277 12.43 -0.05 -6.96
N MET A 278 11.30 0.59 -7.21
CA MET A 278 10.96 1.07 -8.55
C MET A 278 11.86 2.26 -8.97
N GLY A 279 12.61 2.80 -7.99
CA GLY A 279 13.57 3.88 -8.17
C GLY A 279 15.00 3.36 -8.13
N SER A 280 15.17 2.04 -8.30
CA SER A 280 16.51 1.45 -8.35
C SER A 280 17.09 1.67 -9.77
N LEU A 281 18.43 1.61 -9.94
CA LEU A 281 19.07 1.77 -11.25
C LEU A 281 18.50 0.76 -12.26
N GLY A 282 18.37 -0.50 -11.81
CA GLY A 282 17.81 -1.62 -12.55
C GLY A 282 16.39 -1.42 -13.01
N ALA A 283 15.51 -0.99 -12.09
CA ALA A 283 14.09 -0.73 -12.40
C ALA A 283 13.91 0.52 -13.27
N MET A 284 14.81 1.51 -13.12
CA MET A 284 14.82 2.76 -13.89
C MET A 284 15.10 2.50 -15.38
N SER A 285 16.00 1.53 -15.68
CA SER A 285 16.38 1.13 -17.04
C SER A 285 15.57 -0.06 -17.58
N LYS A 301 14.97 11.67 -15.67
CA LYS A 301 16.38 11.37 -15.43
C LYS A 301 16.73 11.71 -13.96
N LEU A 302 16.59 10.73 -13.06
CA LEU A 302 16.84 10.97 -11.63
C LEU A 302 17.89 10.06 -11.05
N VAL A 303 18.50 10.50 -9.93
CA VAL A 303 19.47 9.71 -9.19
C VAL A 303 18.64 8.60 -8.48
N PRO A 304 19.13 7.34 -8.35
CA PRO A 304 18.30 6.28 -7.75
C PRO A 304 17.90 6.57 -6.30
N GLU A 305 16.68 6.10 -5.94
CA GLU A 305 16.11 6.23 -4.60
C GLU A 305 15.71 4.84 -4.07
N GLY A 306 16.23 3.80 -4.68
CA GLY A 306 15.95 2.43 -4.29
C GLY A 306 17.11 1.49 -4.50
N ILE A 307 17.13 0.40 -3.71
CA ILE A 307 18.16 -0.63 -3.77
C ILE A 307 17.64 -1.87 -4.52
N GLU A 308 18.58 -2.68 -5.03
CA GLU A 308 18.33 -3.95 -5.72
C GLU A 308 18.86 -5.03 -4.81
N GLY A 309 18.01 -6.00 -4.49
CA GLY A 309 18.39 -7.10 -3.61
C GLY A 309 17.68 -8.41 -3.86
N ARG A 310 18.15 -9.45 -3.16
CA ARG A 310 17.60 -10.79 -3.16
C ARG A 310 16.80 -10.93 -1.88
N VAL A 311 15.65 -11.59 -1.98
CA VAL A 311 14.79 -11.90 -0.86
C VAL A 311 14.57 -13.42 -0.86
N ALA A 312 14.60 -14.07 0.33
CA ALA A 312 14.41 -15.52 0.43
C ALA A 312 13.03 -15.92 -0.10
N TYR A 313 12.95 -17.08 -0.77
CA TYR A 313 11.70 -17.59 -1.32
C TYR A 313 10.73 -17.90 -0.16
N LYS A 314 9.53 -17.29 -0.21
CA LYS A 314 8.51 -17.36 0.84
C LYS A 314 7.47 -18.46 0.66
N GLY A 315 7.41 -19.04 -0.53
CA GLY A 315 6.44 -20.07 -0.85
C GLY A 315 5.14 -19.47 -1.33
N ARG A 316 4.02 -20.13 -1.02
CA ARG A 316 2.70 -19.69 -1.44
C ARG A 316 2.17 -18.52 -0.64
N LEU A 317 1.63 -17.51 -1.35
CA LEU A 317 1.01 -16.30 -0.82
C LEU A 317 -0.06 -16.62 0.26
N LYS A 318 -0.87 -17.70 0.04
CA LYS A 318 -1.92 -18.13 0.96
C LYS A 318 -1.41 -18.33 2.40
N GLU A 319 -0.25 -18.98 2.58
CA GLU A 319 0.33 -19.25 3.90
C GLU A 319 0.82 -17.97 4.58
N ILE A 320 1.39 -17.04 3.80
CA ILE A 320 1.86 -15.73 4.29
C ILE A 320 0.68 -14.94 4.81
N ILE A 321 -0.40 -14.79 3.99
CA ILE A 321 -1.60 -14.05 4.36
C ILE A 321 -2.25 -14.68 5.62
N HIS A 322 -2.35 -16.03 5.66
CA HIS A 322 -2.91 -16.70 6.85
C HIS A 322 -2.13 -16.32 8.10
N GLN A 323 -0.79 -16.34 8.03
CA GLN A 323 0.07 -15.98 9.16
C GLN A 323 -0.07 -14.50 9.54
N GLN A 324 -0.01 -13.60 8.55
CA GLN A 324 -0.10 -12.15 8.81
C GLN A 324 -1.46 -11.72 9.35
N MET A 325 -2.56 -12.19 8.74
CA MET A 325 -3.92 -11.91 9.21
C MET A 325 -4.21 -12.52 10.57
N GLY A 326 -3.58 -13.66 10.88
CA GLY A 326 -3.70 -14.32 12.19
C GLY A 326 -3.15 -13.42 13.29
N GLY A 327 -2.02 -12.77 13.00
CA GLY A 327 -1.34 -11.78 13.84
C GLY A 327 -2.26 -10.61 14.13
N LEU A 328 -2.89 -10.07 13.07
CA LEU A 328 -3.90 -9.01 13.14
C LEU A 328 -5.10 -9.47 13.95
N ARG A 329 -5.58 -10.72 13.71
CA ARG A 329 -6.71 -11.29 14.45
C ARG A 329 -6.43 -11.34 15.96
N SER A 330 -5.22 -11.79 16.33
CA SER A 330 -4.75 -11.87 17.70
C SER A 330 -4.69 -10.48 18.33
N CYS A 331 -4.26 -9.47 17.57
CA CYS A 331 -4.27 -8.07 18.01
C CYS A 331 -5.70 -7.64 18.33
N MET A 332 -6.63 -7.96 17.42
CA MET A 332 -8.03 -7.58 17.59
C MET A 332 -8.60 -8.18 18.86
N GLY A 333 -8.24 -9.42 19.18
CA GLY A 333 -8.61 -10.03 20.45
C GLY A 333 -8.00 -9.31 21.64
N LEU A 334 -6.71 -8.94 21.59
CA LEU A 334 -6.04 -8.24 22.70
C LEU A 334 -6.53 -6.82 22.95
N THR A 335 -6.95 -6.10 21.88
CA THR A 335 -7.44 -4.71 21.98
C THR A 335 -8.98 -4.59 22.15
N GLY A 336 -9.70 -5.69 21.96
CA GLY A 336 -11.16 -5.64 22.09
C GLY A 336 -11.85 -4.95 20.93
N CYS A 337 -11.22 -5.00 19.76
CA CYS A 337 -11.67 -4.42 18.51
C CYS A 337 -12.13 -5.52 17.56
N GLY A 338 -13.43 -5.72 17.42
CA GLY A 338 -13.97 -6.78 16.57
C GLY A 338 -14.01 -6.54 15.07
N THR A 339 -13.75 -5.29 14.65
CA THR A 339 -13.77 -4.90 13.23
C THR A 339 -12.59 -3.99 12.93
N ILE A 340 -12.25 -3.84 11.63
CA ILE A 340 -11.17 -2.93 11.19
C ILE A 340 -11.48 -1.49 11.67
N ASP A 341 -12.74 -1.04 11.54
CA ASP A 341 -13.22 0.29 11.95
C ASP A 341 -12.99 0.55 13.45
N GLU A 342 -13.24 -0.47 14.30
CA GLU A 342 -12.99 -0.37 15.74
C GLU A 342 -11.48 -0.24 16.02
N LEU A 343 -10.64 -1.05 15.35
CA LEU A 343 -9.17 -1.00 15.47
C LEU A 343 -8.64 0.37 15.08
N ARG A 344 -9.17 0.92 13.95
CA ARG A 344 -8.83 2.25 13.43
C ARG A 344 -9.14 3.40 14.40
N THR A 345 -10.23 3.28 15.19
CA THR A 345 -10.73 4.38 16.03
C THR A 345 -10.73 4.22 17.56
N LYS A 346 -10.61 2.98 18.10
CA LYS A 346 -10.67 2.75 19.54
C LYS A 346 -9.31 2.44 20.18
N ALA A 347 -8.50 1.58 19.52
CA ALA A 347 -7.22 1.08 20.05
C ALA A 347 -6.23 2.20 20.36
N GLU A 348 -5.60 2.11 21.54
CA GLU A 348 -4.66 3.13 22.01
C GLU A 348 -3.24 2.61 21.95
N PHE A 349 -2.28 3.54 21.92
CA PHE A 349 -0.84 3.26 21.90
C PHE A 349 -0.16 3.74 23.17
N VAL A 350 1.04 3.20 23.44
CA VAL A 350 1.98 3.71 24.44
C VAL A 350 3.22 4.01 23.63
N ARG A 351 3.93 5.08 23.97
CA ARG A 351 5.19 5.44 23.33
C ARG A 351 6.32 4.72 24.12
N ILE A 352 7.26 4.10 23.39
CA ILE A 352 8.37 3.36 24.04
C ILE A 352 9.73 3.97 23.68
N SER A 353 10.74 3.73 24.53
CA SER A 353 12.10 4.22 24.32
C SER A 353 12.85 3.22 23.40
N GLY A 354 14.12 3.50 23.11
CA GLY A 354 14.97 2.56 22.38
C GLY A 354 15.19 1.25 23.15
N ALA A 355 15.17 1.33 24.49
CA ALA A 355 15.30 0.16 25.37
C ALA A 355 13.98 -0.62 25.33
N GLY A 356 12.87 0.09 25.08
CA GLY A 356 11.54 -0.49 24.91
C GLY A 356 11.52 -1.41 23.71
N ILE A 357 12.07 -0.91 22.58
CA ILE A 357 12.20 -1.55 21.27
C ILE A 357 12.96 -2.90 21.35
N GLN A 358 14.27 -2.84 21.73
CA GLN A 358 15.15 -4.01 21.88
C GLN A 358 14.65 -5.07 22.87
P IMP B . 7.86 -2.35 1.74
O1P IMP B . 8.37 -1.81 3.05
O2P IMP B . 8.88 -3.14 1.05
O3P IMP B . 6.56 -3.02 1.87
O5' IMP B . 7.62 -1.05 0.79
C5' IMP B . 7.09 -1.07 -0.56
C4' IMP B . 6.76 0.33 -0.99
O4' IMP B . 7.98 1.07 -1.20
C3' IMP B . 6.02 0.47 -2.31
O3' IMP B . 4.63 0.21 -2.20
C2' IMP B . 6.33 1.92 -2.69
O2' IMP B . 5.46 2.83 -2.04
C1' IMP B . 7.74 2.11 -2.13
N9 IMP B . 8.81 2.10 -3.13
C8 IMP B . 8.93 1.28 -4.23
N7 IMP B . 10.07 1.44 -4.87
C5 IMP B . 10.72 2.44 -4.16
C6 IMP B . 11.98 3.09 -4.37
O6 IMP B . 12.86 2.79 -5.18
N1 IMP B . 12.18 4.13 -3.49
C2 IMP B . 11.33 4.47 -2.49
N3 IMP B . 10.23 3.86 -2.21
C4 IMP B . 9.94 2.86 -3.09
HOP2 IMP B . 9.62 -2.74 0.53
HOP3 IMP B . 5.77 -2.53 1.51
H5'1 IMP B . 6.18 -1.68 -0.60
H5'2 IMP B . 7.87 -1.54 -1.17
H4' IMP B . 6.21 0.82 -0.18
H3' IMP B . 6.38 -0.21 -3.09
HO3' IMP B . 4.43 -0.65 -1.73
H2' IMP B . 6.28 2.07 -3.77
HO2' IMP B . 5.56 2.67 -1.07
H1' IMP B . 7.83 3.04 -1.56
H8 IMP B . 8.14 0.59 -4.51
HN1 IMP B . 12.94 4.77 -3.66
H2 IMP B . 11.55 5.39 -1.95
C14 VP4 C . 7.50 13.54 -8.65
C6 VP4 C . 11.52 11.88 -7.34
C11 VP4 C . 10.50 12.15 -8.25
C7 VP4 C . 12.02 12.90 -6.50
C8 VP4 C . 11.46 14.15 -6.56
C9 VP4 C . 10.42 14.41 -7.45
C10 VP4 C . 9.90 13.41 -8.30
C13 VP4 C . 8.93 13.01 -10.52
C3 VP4 C . 11.81 9.43 -7.75
CL15 VP4 C . 9.74 15.98 -7.48
C1 VP4 C . 14.06 8.37 -8.22
C2 VP4 C . 12.73 8.28 -7.47
O4 VP4 C . 10.76 9.28 -8.34
N5 VP4 C . 12.17 10.64 -7.26
N12 VP4 C . 8.85 13.69 -9.22
N16 VP4 C . 12.14 6.93 -7.56
C17 VP4 C . 11.09 6.47 -6.78
C18 VP4 C . 10.22 5.48 -7.33
C19 VP4 C . 9.17 4.97 -6.60
C20 VP4 C . 8.92 5.46 -5.28
C21 VP4 C . 9.81 6.42 -4.72
C22 VP4 C . 10.92 6.88 -5.46
C23 VP4 C . 9.53 6.92 -3.41
C24 VP4 C . 8.41 6.47 -2.75
C25 VP4 C . 7.57 5.53 -3.36
N26 VP4 C . 7.87 5.04 -4.57
C27 VP4 C . 8.07 6.96 -1.36
O28 VP4 C . 9.09 7.75 -0.75
#